data_1O5G
#
_entry.id   1O5G
#
_cell.length_a   71.34
_cell.length_b   72.04
_cell.length_c   72.95
_cell.angle_alpha   90.0
_cell.angle_beta   100.83
_cell.angle_gamma   90.0
#
_symmetry.space_group_name_H-M   'C 1 2 1'
#
loop_
_entity.id
_entity.type
_entity.pdbx_description
1 polymer Prothrombin
2 polymer Prothrombin
3 polymer "Hirudin IIIB'"
4 non-polymer 'SODIUM ION'
5 non-polymer 'CALCIUM ION'
6 non-polymer 2-{5-[AMINO(IMINIO)METHYL]-6-FLUORO-1H-BENZIMIDAZOL-2-YL}-6-[(2-METHYLCYCLOHEXYL)OXY]BENZENOLATE
7 water water
#
loop_
_entity_poly.entity_id
_entity_poly.type
_entity_poly.pdbx_seq_one_letter_code
_entity_poly.pdbx_strand_id
1 'polypeptide(L)' TFGSGEADCGLRPLFEKKSLEDKTERELLESYIDGR L
2 'polypeptide(L)'
;IVEGSDAEIGMSPWQVMLFRKSPQELLCGASLISDRWVLTAAHCLLYPPWDKNFTENDLLVRIGKHSRTRYERNIEKISM
LEKIYIHPRYNWRENLDRDIALMKLKKPVAFSDYIHPVCLPDRETAASLLQAGYKGRVTGWGNLKETWTANVGKGQPSVL
QVVNLPIVERPVCKDSTRIRITDNMFCAGYKPDEGKRGDACEGDSGGPFVMKSPFNNRWYQMGIVSWGEGCDRDGKYGFY
THVFRLKKWIQKVIDQFGE
;
H
3 'polypeptide(L)' DFEEIPEE(TYS)LQ I
#
# COMPACT_ATOMS: atom_id res chain seq x y z
N THR A 1 -12.63 1.49 16.68
CA THR A 1 -11.19 1.81 16.52
C THR A 1 -10.68 0.63 15.66
N PHE A 2 -9.39 0.40 15.65
CA PHE A 2 -8.92 -0.74 14.83
C PHE A 2 -9.56 -1.99 15.37
N GLY A 3 -9.36 -3.04 14.65
CA GLY A 3 -9.93 -4.39 14.98
C GLY A 3 -10.35 -4.59 13.52
N SER A 4 -11.04 -3.58 13.06
CA SER A 4 -11.57 -3.46 11.69
C SER A 4 -10.93 -2.10 11.31
N GLY A 5 -11.35 -1.05 11.96
CA GLY A 5 -10.76 0.28 11.62
C GLY A 5 -11.75 1.41 11.87
N GLU A 6 -11.90 2.29 10.93
CA GLU A 6 -12.85 3.45 11.11
C GLU A 6 -14.35 3.09 11.05
N ALA A 7 -14.73 1.91 11.46
CA ALA A 7 -16.17 1.45 11.46
C ALA A 7 -16.82 1.25 10.11
N ASP A 8 -16.60 2.20 9.25
CA ASP A 8 -17.16 2.15 7.89
C ASP A 8 -15.99 1.92 6.93
N CYS A 9 -14.92 1.42 7.47
CA CYS A 9 -13.74 1.17 6.65
C CYS A 9 -14.01 0.16 5.57
N GLY A 10 -13.18 0.20 4.59
CA GLY A 10 -13.30 -0.77 3.46
C GLY A 10 -14.50 -0.75 2.62
N LEU A 11 -15.45 0.15 2.82
CA LEU A 11 -16.67 0.16 1.93
C LEU A 11 -16.46 1.42 1.08
N ARG A 12 -16.25 1.20 -0.19
CA ARG A 12 -16.01 2.33 -1.13
C ARG A 12 -17.30 3.11 -1.54
N PRO A 13 -17.30 4.41 -1.41
CA PRO A 13 -18.42 5.30 -1.85
C PRO A 13 -18.96 5.02 -3.24
N LEU A 14 -18.04 4.84 -4.13
CA LEU A 14 -18.41 4.57 -5.53
C LEU A 14 -18.66 3.17 -5.86
N PHE A 15 -18.40 2.25 -4.96
CA PHE A 15 -18.64 0.83 -5.34
C PHE A 15 -19.56 0.12 -4.31
N GLU A 16 -19.00 -0.47 -3.28
CA GLU A 16 -19.80 -1.19 -2.24
C GLU A 16 -21.03 -0.38 -1.83
N LYS A 17 -20.77 0.84 -1.43
CA LYS A 17 -21.86 1.77 -1.00
C LYS A 17 -23.02 1.93 -2.04
N LYS A 18 -22.76 1.69 -3.29
CA LYS A 18 -23.80 1.84 -4.35
C LYS A 18 -24.10 0.50 -4.96
N SER A 19 -23.52 -0.51 -4.39
CA SER A 19 -23.69 -1.91 -4.88
C SER A 19 -23.16 -2.07 -6.35
N LEU A 20 -22.05 -1.39 -6.63
CA LEU A 20 -21.44 -1.47 -7.99
C LEU A 20 -20.12 -2.23 -7.77
N GLU A 21 -19.73 -3.04 -8.71
CA GLU A 21 -18.47 -3.82 -8.59
C GLU A 21 -17.41 -3.18 -9.49
N ASP A 22 -16.14 -3.30 -9.17
CA ASP A 22 -15.14 -2.67 -10.08
C ASP A 22 -14.84 -3.78 -11.12
N LYS A 23 -14.17 -3.47 -12.20
CA LYS A 23 -13.92 -4.53 -13.20
C LYS A 23 -13.11 -5.77 -12.86
N THR A 24 -12.32 -5.82 -11.84
CA THR A 24 -11.60 -7.12 -11.61
C THR A 24 -11.77 -7.67 -10.20
N GLU A 25 -12.68 -7.12 -9.40
CA GLU A 25 -12.77 -7.69 -8.03
C GLU A 25 -13.26 -9.11 -8.06
N ARG A 26 -14.05 -9.42 -9.03
CA ARG A 26 -14.58 -10.81 -9.13
C ARG A 26 -13.38 -11.81 -9.19
N GLU A 27 -12.29 -11.40 -9.80
CA GLU A 27 -11.06 -12.27 -9.91
C GLU A 27 -10.65 -12.72 -8.51
N LEU A 28 -10.61 -11.75 -7.64
CA LEU A 28 -10.23 -11.99 -6.23
C LEU A 28 -11.23 -12.97 -5.62
N LEU A 29 -12.48 -12.58 -5.58
CA LEU A 29 -13.53 -13.47 -4.98
C LEU A 29 -13.51 -14.87 -5.51
N GLU A 30 -13.25 -14.97 -6.77
CA GLU A 30 -13.20 -16.32 -7.39
C GLU A 30 -11.98 -17.08 -6.90
N SER A 31 -10.89 -16.42 -6.56
CA SER A 31 -9.73 -17.20 -6.09
C SER A 31 -9.94 -17.73 -4.68
N TYR A 32 -10.92 -17.21 -3.99
CA TYR A 32 -11.12 -17.72 -2.60
C TYR A 32 -11.94 -19.02 -2.64
N ILE A 33 -12.08 -19.58 -3.81
CA ILE A 33 -12.83 -20.85 -4.05
C ILE A 33 -14.36 -20.60 -4.01
N ILE B 1 3.83 -0.45 -11.13
CA ILE B 1 3.16 -1.74 -11.27
C ILE B 1 3.49 -2.13 -12.69
N VAL B 2 3.84 -3.38 -12.84
CA VAL B 2 4.20 -3.97 -14.14
C VAL B 2 3.10 -4.94 -14.48
N GLU B 3 2.61 -4.82 -15.68
CA GLU B 3 1.52 -5.67 -16.25
C GLU B 3 0.20 -5.57 -15.48
N GLY B 4 -0.07 -4.36 -15.07
CA GLY B 4 -1.30 -4.01 -14.30
C GLY B 4 -2.06 -3.04 -15.20
N SER B 5 -3.22 -2.60 -14.81
CA SER B 5 -4.02 -1.66 -15.63
C SER B 5 -4.32 -0.34 -14.91
N ASP B 6 -4.98 0.57 -15.59
CA ASP B 6 -5.29 1.89 -14.94
C ASP B 6 -6.41 1.58 -13.99
N ALA B 7 -6.36 2.20 -12.86
CA ALA B 7 -7.40 2.00 -11.82
C ALA B 7 -8.65 2.78 -12.27
N GLU B 8 -9.76 2.54 -11.60
CA GLU B 8 -11.01 3.27 -11.98
C GLU B 8 -11.03 4.37 -10.93
N ILE B 9 -11.80 5.37 -11.20
CA ILE B 9 -11.88 6.49 -10.25
C ILE B 9 -12.59 5.88 -9.00
N GLY B 10 -12.05 6.25 -7.88
CA GLY B 10 -12.51 5.83 -6.53
C GLY B 10 -12.33 4.33 -6.24
N MET B 11 -11.50 3.68 -7.01
CA MET B 11 -11.26 2.20 -6.84
C MET B 11 -10.44 1.89 -5.55
N SER B 12 -9.53 2.75 -5.22
CA SER B 12 -8.63 2.64 -4.03
C SER B 12 -8.64 3.96 -3.25
N PRO B 13 -9.74 4.30 -2.64
CA PRO B 13 -9.85 5.64 -2.00
C PRO B 13 -8.92 5.84 -0.80
N TRP B 14 -8.25 4.78 -0.43
CA TRP B 14 -7.30 4.82 0.71
C TRP B 14 -5.84 5.01 0.20
N GLN B 15 -5.66 5.00 -1.10
CA GLN B 15 -4.29 5.19 -1.65
C GLN B 15 -3.80 6.61 -1.33
N VAL B 16 -2.60 6.69 -0.81
CA VAL B 16 -1.96 7.98 -0.45
C VAL B 16 -0.63 8.04 -1.27
N MET B 17 -0.13 9.23 -1.47
CA MET B 17 1.15 9.50 -2.23
C MET B 17 2.05 10.25 -1.27
N LEU B 18 3.26 9.81 -1.12
CA LEU B 18 4.20 10.53 -0.18
C LEU B 18 4.87 11.37 -1.24
N PHE B 19 4.82 12.63 -0.99
CA PHE B 19 5.39 13.61 -1.93
C PHE B 19 6.48 14.38 -1.21
N ARG B 20 7.55 14.57 -1.90
CA ARG B 20 8.72 15.30 -1.33
C ARG B 20 8.50 16.78 -1.71
N LYS B 21 8.81 17.69 -0.82
CA LYS B 21 8.61 19.12 -1.16
C LYS B 21 9.77 19.64 -2.05
N SER B 22 10.99 19.28 -1.76
CA SER B 22 12.13 19.77 -2.59
C SER B 22 13.19 18.68 -2.83
N PRO B 23 13.42 18.22 -4.04
CA PRO B 23 12.56 18.43 -5.24
C PRO B 23 11.12 17.97 -4.98
N GLN B 24 10.24 18.35 -5.86
CA GLN B 24 8.84 17.96 -5.68
C GLN B 24 8.80 16.66 -6.43
N GLU B 25 8.73 15.59 -5.70
CA GLU B 25 8.70 14.26 -6.39
C GLU B 25 7.95 13.17 -5.60
N LEU B 26 7.44 12.22 -6.35
CA LEU B 26 6.69 11.07 -5.74
C LEU B 26 7.77 10.32 -5.04
N LEU B 27 7.52 9.98 -3.81
CA LEU B 27 8.51 9.23 -3.01
C LEU B 27 8.06 7.74 -2.89
N CYS B 28 6.89 7.55 -2.37
CA CYS B 28 6.34 6.17 -2.18
C CYS B 28 4.83 6.24 -2.15
N GLY B 29 4.25 5.10 -1.95
CA GLY B 29 2.78 4.93 -1.88
C GLY B 29 2.52 4.85 -0.36
N ALA B 30 1.29 4.79 0.05
CA ALA B 30 0.97 4.70 1.49
C ALA B 30 -0.53 4.44 1.52
N SER B 31 -1.11 4.26 2.69
CA SER B 31 -2.58 4.01 2.74
C SER B 31 -3.20 4.85 3.90
N LEU B 32 -4.47 5.11 3.75
CA LEU B 32 -5.22 5.91 4.74
C LEU B 32 -5.98 4.87 5.56
N ILE B 33 -5.69 4.83 6.83
CA ILE B 33 -6.39 3.83 7.73
C ILE B 33 -7.29 4.58 8.76
N SER B 34 -7.15 5.87 8.89
CA SER B 34 -7.96 6.67 9.84
C SER B 34 -8.10 8.04 9.17
N ASP B 35 -8.62 9.01 9.86
CA ASP B 35 -8.75 10.34 9.21
C ASP B 35 -7.51 11.11 9.63
N ARG B 36 -6.73 10.54 10.52
CA ARG B 36 -5.46 11.21 11.00
C ARG B 36 -4.21 10.29 10.86
N TRP B 37 -4.36 9.06 10.43
CA TRP B 37 -3.16 8.16 10.29
C TRP B 37 -2.92 7.54 8.93
N VAL B 38 -1.67 7.55 8.55
CA VAL B 38 -1.29 6.97 7.25
C VAL B 38 -0.26 5.87 7.62
N LEU B 39 -0.32 4.81 6.90
CA LEU B 39 0.56 3.63 7.08
C LEU B 39 1.47 3.48 5.85
N THR B 40 2.74 3.28 6.07
CA THR B 40 3.63 3.09 4.90
C THR B 40 4.74 2.09 5.29
N ALA B 41 5.74 2.06 4.45
CA ALA B 41 6.90 1.15 4.67
C ALA B 41 7.98 2.04 5.22
N ALA B 42 8.56 1.57 6.30
CA ALA B 42 9.66 2.33 6.98
C ALA B 42 10.86 2.65 6.10
N HIS B 43 11.10 1.86 5.08
CA HIS B 43 12.30 2.16 4.24
C HIS B 43 12.10 3.34 3.30
N CYS B 44 10.89 3.81 3.20
CA CYS B 44 10.60 4.98 2.32
C CYS B 44 11.03 6.24 3.08
N LEU B 45 11.12 6.11 4.39
CA LEU B 45 11.52 7.26 5.29
C LEU B 45 12.93 7.19 5.88
N LEU B 46 13.33 5.99 6.21
CA LEU B 46 14.66 5.78 6.81
C LEU B 46 15.36 4.62 6.13
N TYR B 47 16.44 4.89 5.48
CA TYR B 47 17.21 3.83 4.78
C TYR B 47 18.69 4.28 4.74
N PRO B 48 19.34 4.13 5.87
CA PRO B 48 20.71 4.61 6.10
C PRO B 48 21.75 4.28 5.02
N PRO B 49 21.74 3.08 4.49
CA PRO B 49 22.65 2.68 3.40
C PRO B 49 22.75 3.70 2.27
N TRP B 50 21.66 4.37 2.00
CA TRP B 50 21.65 5.40 0.91
C TRP B 50 21.53 6.78 1.48
N ASP B 51 21.74 6.86 2.74
CA ASP B 51 21.65 8.15 3.43
C ASP B 51 20.25 8.75 3.35
N LYS B 52 19.22 7.95 3.51
CA LYS B 52 17.83 8.52 3.45
C LYS B 52 17.31 8.53 4.88
N ASN B 53 16.80 9.65 5.32
CA ASN B 53 16.25 9.83 6.69
C ASN B 53 15.37 11.08 6.57
N PHE B 54 14.17 10.91 6.10
CA PHE B 54 13.27 12.09 5.94
C PHE B 54 12.56 12.38 7.25
N THR B 55 12.25 13.64 7.47
CA THR B 55 11.55 14.12 8.70
C THR B 55 10.20 14.72 8.26
N GLU B 56 9.33 14.93 9.22
CA GLU B 56 7.98 15.52 8.99
C GLU B 56 7.94 16.61 7.88
N ASN B 57 8.71 17.60 8.20
CA ASN B 57 8.86 18.80 7.34
C ASN B 57 9.39 18.59 5.96
N ASP B 58 9.76 17.40 5.60
CA ASP B 58 10.29 17.24 4.22
C ASP B 58 9.27 16.57 3.39
N LEU B 59 8.21 16.13 4.01
CA LEU B 59 7.16 15.41 3.26
C LEU B 59 5.79 16.04 3.29
N LEU B 60 5.05 15.60 2.31
CA LEU B 60 3.65 16.03 2.11
C LEU B 60 2.96 14.70 1.78
N VAL B 61 1.70 14.62 2.12
CA VAL B 61 0.90 13.41 1.88
C VAL B 61 -0.21 13.92 0.95
N ARG B 62 -0.48 13.25 -0.15
CA ARG B 62 -1.54 13.70 -1.08
C ARG B 62 -2.53 12.54 -1.15
N ILE B 63 -3.75 12.83 -0.77
CA ILE B 63 -4.87 11.83 -0.75
C ILE B 63 -5.99 12.21 -1.76
N GLY B 64 -6.62 11.21 -2.29
CA GLY B 64 -7.74 11.39 -3.27
C GLY B 64 -7.25 11.47 -4.70
N LYS B 65 -6.03 11.08 -4.97
CA LYS B 65 -5.50 11.18 -6.36
C LYS B 65 -5.75 10.01 -7.28
N HIS B 66 -5.65 10.36 -8.53
CA HIS B 66 -5.84 9.40 -9.63
C HIS B 66 -4.62 9.64 -10.57
N SER B 67 -4.46 10.87 -10.99
CA SER B 67 -3.34 11.30 -11.89
C SER B 67 -2.10 11.35 -11.02
N ARG B 68 -1.01 11.01 -11.62
CA ARG B 68 0.27 11.01 -10.89
C ARG B 68 0.88 12.39 -10.74
N THR B 69 1.00 13.05 -11.86
CA THR B 69 1.61 14.42 -11.90
C THR B 69 0.74 15.66 -11.79
N ARG B 70 -0.55 15.53 -11.90
CA ARG B 70 -1.36 16.79 -11.82
C ARG B 70 -1.94 17.11 -10.48
N TYR B 71 -2.07 18.38 -10.22
CA TYR B 71 -2.64 18.82 -8.93
C TYR B 71 -4.14 18.83 -9.29
N GLU B 72 -4.82 17.81 -8.82
CA GLU B 72 -6.29 17.59 -9.05
C GLU B 72 -7.09 18.48 -8.07
N ARG B 73 -7.13 19.71 -8.49
CA ARG B 73 -7.83 20.82 -7.80
C ARG B 73 -9.25 20.39 -7.41
N ASN B 74 -9.62 20.68 -6.20
CA ASN B 74 -10.99 20.32 -5.67
C ASN B 74 -11.19 18.81 -5.43
N ILE B 75 -10.24 17.96 -5.78
CA ILE B 75 -10.42 16.49 -5.55
C ILE B 75 -9.44 15.95 -4.48
N GLU B 76 -8.18 16.19 -4.66
CA GLU B 76 -7.20 15.67 -3.67
C GLU B 76 -6.99 16.65 -2.54
N LYS B 77 -6.45 16.17 -1.45
CA LYS B 77 -6.15 16.98 -0.24
C LYS B 77 -4.64 16.72 0.02
N ILE B 78 -3.99 17.72 0.51
CA ILE B 78 -2.55 17.66 0.79
C ILE B 78 -2.45 17.92 2.29
N SER B 79 -1.88 17.00 3.02
CA SER B 79 -1.74 17.17 4.50
C SER B 79 -0.27 17.22 4.85
N MET B 80 0.00 17.80 5.97
CA MET B 80 1.41 17.92 6.44
C MET B 80 1.44 16.91 7.56
N LEU B 81 2.62 16.54 7.95
CA LEU B 81 2.77 15.53 9.03
C LEU B 81 3.02 16.21 10.33
N GLU B 82 2.62 15.49 11.32
CA GLU B 82 2.76 15.94 12.70
C GLU B 82 3.90 15.08 13.24
N LYS B 83 3.74 13.78 13.17
CA LYS B 83 4.79 12.84 13.68
C LYS B 83 4.94 11.60 12.79
N ILE B 84 6.10 10.99 12.85
CA ILE B 84 6.41 9.75 12.05
C ILE B 84 6.88 8.80 13.10
N TYR B 85 6.45 7.58 12.98
CA TYR B 85 6.85 6.53 13.96
C TYR B 85 7.30 5.38 13.10
N ILE B 86 8.47 4.89 13.37
CA ILE B 86 9.05 3.75 12.60
C ILE B 86 9.00 2.56 13.57
N HIS B 87 8.86 1.37 13.07
CA HIS B 87 8.83 0.22 14.03
C HIS B 87 10.23 0.19 14.71
N PRO B 88 10.29 0.08 16.03
CA PRO B 88 11.56 0.07 16.80
C PRO B 88 12.52 -1.04 16.35
N ARG B 89 11.98 -2.09 15.79
CA ARG B 89 12.84 -3.21 15.33
C ARG B 89 12.87 -3.35 13.81
N TYR B 90 12.70 -2.24 13.13
CA TYR B 90 12.73 -2.25 11.63
C TYR B 90 14.19 -2.68 11.32
N ASN B 91 14.37 -3.70 10.51
CA ASN B 91 15.73 -4.23 10.14
C ASN B 91 16.23 -3.80 8.75
N TRP B 92 16.82 -2.64 8.71
CA TRP B 92 17.35 -2.12 7.39
C TRP B 92 18.71 -2.69 7.09
N ARG B 93 19.33 -3.20 8.10
CA ARG B 93 20.67 -3.78 7.91
C ARG B 93 20.65 -5.06 7.14
N GLU B 94 19.69 -5.89 7.40
CA GLU B 94 19.67 -7.17 6.65
C GLU B 94 18.57 -7.50 5.66
N ASN B 95 17.33 -7.59 6.10
CA ASN B 95 16.22 -7.94 5.13
C ASN B 95 14.94 -7.09 5.15
N LEU B 96 15.00 -5.93 5.75
CA LEU B 96 13.80 -5.03 5.83
C LEU B 96 12.70 -5.77 6.59
N ASP B 97 13.07 -6.41 7.64
CA ASP B 97 12.06 -7.17 8.46
C ASP B 97 11.39 -6.07 9.32
N ARG B 98 10.08 -6.09 9.38
CA ARG B 98 9.22 -5.10 10.15
C ARG B 98 9.37 -3.73 9.46
N ASP B 99 9.16 -3.79 8.19
CA ASP B 99 9.24 -2.57 7.33
C ASP B 99 7.85 -1.87 7.40
N ILE B 100 7.60 -1.18 8.49
CA ILE B 100 6.29 -0.47 8.66
C ILE B 100 6.54 0.84 9.40
N ALA B 101 5.74 1.85 9.11
CA ALA B 101 5.87 3.18 9.78
C ALA B 101 4.48 3.75 9.74
N LEU B 102 4.22 4.60 10.69
CA LEU B 102 2.89 5.30 10.81
C LEU B 102 3.20 6.78 10.74
N MET B 103 2.32 7.54 10.14
CA MET B 103 2.55 9.00 10.04
C MET B 103 1.26 9.61 10.58
N LYS B 104 1.38 10.57 11.44
CA LYS B 104 0.19 11.23 12.04
C LYS B 104 0.08 12.53 11.24
N LEU B 105 -1.11 12.84 10.78
CA LEU B 105 -1.28 14.11 9.99
C LEU B 105 -1.53 15.29 10.92
N LYS B 106 -1.17 16.43 10.42
CA LYS B 106 -1.33 17.68 11.20
C LYS B 106 -2.83 17.84 11.52
N LYS B 107 -3.67 17.79 10.51
CA LYS B 107 -5.15 17.94 10.78
C LYS B 107 -5.85 16.70 10.21
N PRO B 108 -7.00 16.33 10.73
CA PRO B 108 -7.79 15.22 10.16
C PRO B 108 -8.22 15.57 8.76
N VAL B 109 -8.43 14.58 7.95
CA VAL B 109 -8.86 14.84 6.57
C VAL B 109 -10.34 14.43 6.61
N ALA B 110 -11.07 14.96 5.66
CA ALA B 110 -12.51 14.66 5.56
C ALA B 110 -12.59 13.64 4.46
N PHE B 111 -13.49 12.72 4.61
CA PHE B 111 -13.64 11.67 3.58
C PHE B 111 -14.49 12.25 2.48
N SER B 112 -14.47 11.61 1.35
CA SER B 112 -15.25 12.07 0.18
C SER B 112 -15.41 10.82 -0.62
N ASP B 113 -15.89 10.99 -1.81
CA ASP B 113 -16.08 9.83 -2.68
C ASP B 113 -14.71 9.28 -3.12
N TYR B 114 -13.70 10.09 -2.98
CA TYR B 114 -12.33 9.67 -3.41
C TYR B 114 -11.36 9.41 -2.25
N ILE B 115 -11.76 9.83 -1.09
CA ILE B 115 -10.95 9.66 0.14
C ILE B 115 -11.74 8.86 1.19
N HIS B 116 -11.36 7.64 1.45
CA HIS B 116 -12.05 6.77 2.46
C HIS B 116 -10.99 5.74 2.98
N PRO B 117 -10.93 5.47 4.27
CA PRO B 117 -9.95 4.54 4.85
C PRO B 117 -10.17 3.06 4.60
N VAL B 118 -9.10 2.34 4.74
CA VAL B 118 -9.14 0.87 4.54
C VAL B 118 -9.19 0.21 5.91
N CYS B 119 -9.69 -0.98 5.95
CA CYS B 119 -9.77 -1.69 7.25
C CYS B 119 -8.48 -2.53 7.48
N LEU B 120 -8.10 -2.62 8.71
CA LEU B 120 -6.88 -3.42 9.08
C LEU B 120 -7.48 -4.75 9.54
N PRO B 121 -6.79 -5.83 9.28
CA PRO B 121 -7.36 -7.16 9.47
C PRO B 121 -7.32 -7.59 10.94
N ASP B 122 -8.12 -8.56 11.21
CA ASP B 122 -8.22 -9.12 12.56
C ASP B 122 -7.81 -10.58 12.36
N ARG B 123 -7.36 -11.20 13.41
CA ARG B 123 -6.92 -12.63 13.38
C ARG B 123 -7.78 -13.52 12.51
N GLU B 124 -9.06 -13.43 12.69
CA GLU B 124 -9.93 -14.31 11.88
C GLU B 124 -9.85 -14.02 10.40
N THR B 125 -9.90 -12.76 10.05
CA THR B 125 -9.84 -12.39 8.60
C THR B 125 -8.47 -12.78 8.05
N ALA B 126 -7.43 -12.50 8.80
CA ALA B 126 -6.06 -12.86 8.31
C ALA B 126 -6.05 -14.38 8.05
N ALA B 127 -6.46 -15.08 9.06
CA ALA B 127 -6.51 -16.55 8.99
C ALA B 127 -7.21 -17.08 7.75
N SER B 128 -8.43 -16.69 7.60
CA SER B 128 -9.18 -17.17 6.42
C SER B 128 -8.76 -16.66 5.04
N LEU B 129 -8.14 -15.52 4.98
CA LEU B 129 -7.75 -15.01 3.64
C LEU B 129 -6.31 -15.17 3.26
N LEU B 130 -5.43 -15.15 4.20
CA LEU B 130 -4.00 -15.31 3.81
C LEU B 130 -3.63 -16.76 3.52
N GLN B 131 -4.12 -17.25 2.42
CA GLN B 131 -3.84 -18.65 1.99
C GLN B 131 -3.26 -18.59 0.56
N ALA B 132 -2.29 -19.45 0.28
CA ALA B 132 -1.65 -19.47 -1.06
C ALA B 132 -2.70 -19.74 -2.10
N GLY B 133 -2.64 -19.01 -3.18
CA GLY B 133 -3.64 -19.23 -4.25
C GLY B 133 -4.65 -18.09 -4.25
N TYR B 134 -4.88 -17.53 -3.08
CA TYR B 134 -5.85 -16.41 -2.94
C TYR B 134 -5.19 -15.18 -3.48
N LYS B 135 -5.96 -14.41 -4.19
CA LYS B 135 -5.42 -13.15 -4.78
C LYS B 135 -5.77 -11.91 -3.97
N GLY B 136 -4.84 -11.01 -4.09
CA GLY B 136 -4.87 -9.69 -3.43
C GLY B 136 -4.66 -8.68 -4.56
N ARG B 137 -4.73 -7.41 -4.22
CA ARG B 137 -4.56 -6.30 -5.20
C ARG B 137 -3.56 -5.31 -4.71
N VAL B 138 -2.75 -4.84 -5.63
CA VAL B 138 -1.70 -3.85 -5.28
C VAL B 138 -1.94 -2.60 -6.18
N THR B 139 -1.68 -1.45 -5.66
CA THR B 139 -1.87 -0.24 -6.46
C THR B 139 -0.73 0.72 -6.25
N GLY B 140 -0.56 1.53 -7.27
CA GLY B 140 0.51 2.54 -7.21
C GLY B 140 0.81 3.18 -8.57
N TRP B 141 1.58 4.21 -8.44
CA TRP B 141 2.07 5.09 -9.56
C TRP B 141 3.57 4.80 -9.81
N GLY B 142 3.94 3.60 -9.55
CA GLY B 142 5.37 3.20 -9.73
C GLY B 142 5.66 2.81 -11.16
N ASN B 143 6.90 2.52 -11.36
CA ASN B 143 7.37 2.13 -12.70
C ASN B 143 6.55 1.06 -13.33
N LEU B 144 6.50 1.16 -14.62
CA LEU B 144 5.73 0.20 -15.44
C LEU B 144 6.66 -0.89 -15.96
N LYS B 145 7.93 -0.62 -15.89
CA LYS B 145 8.96 -1.58 -16.36
C LYS B 145 10.11 -1.50 -15.41
N GLU B 146 10.85 -2.59 -15.37
CA GLU B 146 12.03 -2.67 -14.46
C GLU B 146 13.00 -1.58 -14.89
N THR B 147 13.22 -1.53 -16.17
CA THR B 147 14.11 -0.55 -16.83
C THR B 147 13.47 -0.38 -18.23
N GLY B 155 7.24 5.92 -18.58
CA GLY B 155 8.06 4.97 -17.77
C GLY B 155 7.27 4.75 -16.49
N GLN B 156 6.74 5.86 -16.07
CA GLN B 156 5.91 6.00 -14.88
C GLN B 156 4.56 6.20 -15.63
N PRO B 157 3.46 5.88 -15.03
CA PRO B 157 2.11 5.97 -15.69
C PRO B 157 1.49 7.34 -15.46
N SER B 158 0.41 7.65 -16.15
CA SER B 158 -0.21 9.00 -15.91
C SER B 158 -1.21 8.85 -14.76
N VAL B 159 -1.85 7.71 -14.66
CA VAL B 159 -2.81 7.50 -13.54
C VAL B 159 -2.42 6.27 -12.70
N LEU B 160 -3.17 6.07 -11.63
CA LEU B 160 -2.95 4.93 -10.69
C LEU B 160 -3.11 3.64 -11.43
N GLN B 161 -2.25 2.70 -11.14
CA GLN B 161 -2.31 1.37 -11.82
C GLN B 161 -2.73 0.33 -10.76
N VAL B 162 -3.25 -0.76 -11.20
CA VAL B 162 -3.69 -1.84 -10.29
C VAL B 162 -3.35 -3.22 -10.88
N VAL B 163 -3.08 -4.20 -10.04
CA VAL B 163 -2.77 -5.56 -10.54
C VAL B 163 -3.22 -6.51 -9.41
N ASN B 164 -3.76 -7.63 -9.77
CA ASN B 164 -4.23 -8.64 -8.77
C ASN B 164 -3.24 -9.83 -8.85
N LEU B 165 -2.68 -10.19 -7.73
CA LEU B 165 -1.68 -11.30 -7.64
C LEU B 165 -2.04 -12.33 -6.57
N PRO B 166 -1.77 -13.59 -6.83
CA PRO B 166 -1.96 -14.66 -5.81
C PRO B 166 -0.86 -14.72 -4.76
N ILE B 167 -1.25 -15.19 -3.60
CA ILE B 167 -0.27 -15.31 -2.49
C ILE B 167 0.40 -16.66 -2.84
N VAL B 168 1.66 -16.72 -2.51
CA VAL B 168 2.49 -17.93 -2.79
C VAL B 168 2.90 -18.65 -1.50
N GLU B 169 3.04 -19.93 -1.65
CA GLU B 169 3.43 -20.82 -0.54
C GLU B 169 4.80 -20.38 -0.05
N ARG B 170 4.91 -20.26 1.23
CA ARG B 170 6.19 -19.84 1.84
C ARG B 170 7.47 -20.57 1.35
N PRO B 171 7.50 -21.89 1.32
CA PRO B 171 8.64 -22.63 0.68
C PRO B 171 9.12 -22.04 -0.67
N VAL B 172 8.16 -21.82 -1.52
CA VAL B 172 8.42 -21.25 -2.88
C VAL B 172 9.05 -19.86 -2.72
N CYS B 173 8.54 -19.10 -1.79
CA CYS B 173 9.08 -17.73 -1.58
C CYS B 173 10.54 -17.79 -1.14
N LYS B 174 10.79 -18.62 -0.17
CA LYS B 174 12.16 -18.78 0.36
C LYS B 174 13.11 -19.36 -0.72
N ASP B 175 12.61 -20.24 -1.54
CA ASP B 175 13.50 -20.82 -2.56
C ASP B 175 13.70 -19.97 -3.77
N SER B 176 13.17 -18.77 -3.77
CA SER B 176 13.32 -17.85 -4.94
C SER B 176 14.39 -16.78 -4.64
N THR B 177 14.87 -16.73 -3.44
CA THR B 177 15.90 -15.72 -3.10
C THR B 177 16.91 -16.28 -2.14
N ARG B 178 17.90 -15.49 -1.89
CA ARG B 178 19.03 -15.76 -0.98
C ARG B 178 18.68 -15.03 0.32
N ILE B 179 17.85 -14.03 0.26
CA ILE B 179 17.48 -13.26 1.51
C ILE B 179 16.73 -14.13 2.53
N ARG B 180 16.94 -13.78 3.77
CA ARG B 180 16.28 -14.51 4.88
C ARG B 180 14.85 -13.94 5.06
N ILE B 181 13.86 -14.72 4.72
CA ILE B 181 12.42 -14.32 4.85
C ILE B 181 11.98 -14.61 6.30
N THR B 182 11.24 -13.71 6.92
CA THR B 182 10.80 -13.93 8.31
C THR B 182 9.29 -14.14 8.30
N ASP B 183 8.76 -14.35 9.46
CA ASP B 183 7.30 -14.56 9.56
C ASP B 183 6.60 -13.22 9.39
N ASN B 184 7.34 -12.16 9.28
CA ASN B 184 6.69 -10.81 9.12
C ASN B 184 6.58 -10.40 7.67
N MET B 185 6.70 -11.33 6.78
CA MET B 185 6.60 -11.00 5.35
C MET B 185 5.92 -12.16 4.67
N PHE B 186 5.38 -11.92 3.52
CA PHE B 186 4.73 -13.00 2.74
C PHE B 186 5.11 -12.54 1.30
N CYS B 187 4.96 -13.38 0.32
CA CYS B 187 5.32 -12.95 -1.06
C CYS B 187 4.12 -13.29 -1.91
N ALA B 188 4.06 -12.64 -3.04
CA ALA B 188 2.93 -12.90 -3.96
C ALA B 188 3.39 -12.74 -5.40
N GLY B 189 2.67 -13.34 -6.29
CA GLY B 189 3.00 -13.26 -7.72
C GLY B 189 2.69 -14.57 -8.40
N TYR B 190 2.70 -14.52 -9.70
CA TYR B 190 2.41 -15.73 -10.51
C TYR B 190 3.73 -16.48 -10.66
N LYS B 191 3.62 -17.76 -10.87
CA LYS B 191 4.82 -18.62 -11.04
C LYS B 191 5.11 -18.55 -12.56
N PRO B 192 6.33 -18.81 -12.97
CA PRO B 192 6.70 -18.83 -14.43
C PRO B 192 5.76 -19.69 -15.26
N ASP B 193 5.27 -20.77 -14.71
CA ASP B 193 4.35 -21.66 -15.48
C ASP B 193 2.91 -21.29 -15.16
N GLU B 194 2.59 -20.02 -15.30
CA GLU B 194 1.19 -19.58 -15.01
C GLU B 194 0.66 -18.70 -16.15
N GLY B 195 1.51 -18.12 -16.93
CA GLY B 195 0.98 -17.28 -18.03
C GLY B 195 0.87 -15.86 -17.55
N LYS B 196 0.10 -15.68 -16.51
CA LYS B 196 -0.07 -14.31 -15.97
C LYS B 196 1.23 -13.79 -15.37
N ARG B 197 1.35 -12.50 -15.42
CA ARG B 197 2.55 -11.77 -14.90
C ARG B 197 1.96 -10.67 -14.03
N GLY B 198 2.84 -9.84 -13.54
CA GLY B 198 2.45 -8.70 -12.69
C GLY B 198 3.30 -8.60 -11.45
N ASP B 199 3.56 -7.40 -11.04
CA ASP B 199 4.38 -7.19 -9.84
C ASP B 199 4.37 -5.68 -9.57
N ALA B 200 4.80 -5.33 -8.40
CA ALA B 200 4.87 -3.93 -7.98
C ALA B 200 6.28 -3.55 -8.48
N CYS B 201 6.67 -2.32 -8.36
CA CYS B 201 8.03 -1.93 -8.84
C CYS B 201 8.42 -0.66 -8.10
N GLU B 202 9.56 -0.15 -8.45
CA GLU B 202 10.06 1.10 -7.80
C GLU B 202 8.98 2.18 -7.87
N GLY B 203 8.82 2.90 -6.81
CA GLY B 203 7.78 3.97 -6.80
C GLY B 203 6.52 3.43 -6.11
N ASP B 204 6.37 2.13 -6.10
CA ASP B 204 5.17 1.50 -5.46
C ASP B 204 5.38 1.18 -3.99
N SER B 205 6.63 1.04 -3.59
CA SER B 205 7.00 0.73 -2.17
C SER B 205 6.14 1.53 -1.19
N GLY B 206 5.72 0.94 -0.09
CA GLY B 206 4.88 1.70 0.89
C GLY B 206 3.39 1.56 0.69
N GLY B 207 2.97 1.19 -0.49
CA GLY B 207 1.52 1.05 -0.72
C GLY B 207 0.90 -0.23 -0.27
N PRO B 208 -0.39 -0.33 -0.49
CA PRO B 208 -1.19 -1.46 0.03
C PRO B 208 -1.43 -2.66 -0.83
N PHE B 209 -1.52 -3.79 -0.18
CA PHE B 209 -1.79 -5.10 -0.84
C PHE B 209 -3.13 -5.28 -0.07
N VAL B 210 -4.22 -5.36 -0.76
CA VAL B 210 -5.54 -5.51 -0.04
C VAL B 210 -6.32 -6.67 -0.57
N MET B 211 -7.24 -7.12 0.24
CA MET B 211 -8.09 -8.25 -0.15
C MET B 211 -9.54 -7.88 0.22
N LYS B 212 -10.47 -8.49 -0.45
CA LYS B 212 -11.91 -8.18 -0.18
C LYS B 212 -12.49 -9.39 0.55
N SER B 213 -13.05 -9.16 1.70
CA SER B 213 -13.64 -10.29 2.50
C SER B 213 -14.97 -10.69 1.85
N PRO B 214 -15.12 -11.97 1.58
CA PRO B 214 -16.40 -12.52 1.08
C PRO B 214 -17.43 -12.73 2.22
N PHE B 215 -17.08 -12.38 3.43
CA PHE B 215 -18.01 -12.55 4.57
C PHE B 215 -18.80 -11.27 4.82
N ASN B 216 -18.06 -10.19 4.85
CA ASN B 216 -18.66 -8.85 5.09
C ASN B 216 -18.46 -7.78 3.99
N ASN B 217 -17.96 -8.16 2.82
CA ASN B 217 -17.75 -7.18 1.68
C ASN B 217 -16.77 -6.01 1.88
N ARG B 218 -15.96 -6.06 2.88
CA ARG B 218 -15.01 -4.96 3.14
C ARG B 218 -13.64 -5.27 2.61
N TRP B 219 -12.89 -4.21 2.38
CA TRP B 219 -11.50 -4.34 1.87
C TRP B 219 -10.61 -4.19 3.05
N TYR B 220 -9.70 -5.11 3.15
CA TYR B 220 -8.71 -5.12 4.27
C TYR B 220 -7.31 -5.01 3.67
N GLN B 221 -6.45 -4.37 4.38
CA GLN B 221 -5.06 -4.21 3.88
C GLN B 221 -4.26 -5.33 4.61
N MET B 222 -3.89 -6.33 3.86
CA MET B 222 -3.12 -7.46 4.44
C MET B 222 -1.61 -7.20 4.39
N GLY B 223 -1.16 -6.51 3.38
CA GLY B 223 0.31 -6.22 3.29
C GLY B 223 0.64 -4.81 2.84
N ILE B 224 1.92 -4.51 2.93
CA ILE B 224 2.50 -3.18 2.54
C ILE B 224 3.56 -3.60 1.49
N VAL B 225 3.71 -2.89 0.42
CA VAL B 225 4.72 -3.25 -0.63
C VAL B 225 6.08 -3.02 0.04
N SER B 226 6.89 -4.06 0.11
CA SER B 226 8.22 -3.93 0.77
C SER B 226 9.36 -4.07 -0.21
N TRP B 227 9.58 -5.22 -0.78
CA TRP B 227 10.73 -5.33 -1.72
C TRP B 227 10.55 -6.43 -2.73
N GLY B 228 11.49 -6.49 -3.63
CA GLY B 228 11.49 -7.51 -4.70
C GLY B 228 12.83 -7.32 -5.39
N GLU B 229 13.20 -8.28 -6.18
CA GLU B 229 14.50 -8.25 -6.93
C GLU B 229 14.09 -8.04 -8.38
N GLY B 230 14.26 -6.81 -8.78
CA GLY B 230 13.89 -6.45 -10.19
C GLY B 230 12.38 -6.22 -10.13
N CYS B 231 11.72 -6.31 -11.24
CA CYS B 231 10.24 -6.10 -11.27
C CYS B 231 9.74 -7.11 -12.28
N ASP B 232 8.79 -7.90 -11.88
CA ASP B 232 8.14 -8.95 -12.71
C ASP B 232 9.16 -9.93 -13.34
N ARG B 233 10.23 -10.24 -12.65
CA ARG B 233 11.21 -11.20 -13.27
C ARG B 233 10.66 -12.63 -13.07
N ASP B 234 10.94 -13.54 -13.94
CA ASP B 234 10.40 -14.92 -13.72
C ASP B 234 11.15 -15.65 -12.62
N GLY B 235 10.43 -16.34 -11.78
CA GLY B 235 11.06 -17.10 -10.67
C GLY B 235 11.25 -16.22 -9.44
N LYS B 236 10.88 -14.97 -9.57
CA LYS B 236 11.00 -14.01 -8.45
C LYS B 236 9.57 -13.60 -7.99
N TYR B 237 9.47 -13.09 -6.81
CA TYR B 237 8.15 -12.65 -6.22
C TYR B 237 8.30 -11.33 -5.49
N GLY B 238 7.19 -10.72 -5.17
CA GLY B 238 7.27 -9.42 -4.45
C GLY B 238 7.02 -9.81 -3.01
N PHE B 239 7.64 -9.12 -2.10
CA PHE B 239 7.51 -9.39 -0.65
C PHE B 239 6.81 -8.20 -0.08
N TYR B 240 5.96 -8.54 0.86
CA TYR B 240 5.14 -7.55 1.60
C TYR B 240 5.20 -7.71 3.10
N THR B 241 5.08 -6.60 3.80
CA THR B 241 5.10 -6.64 5.28
C THR B 241 3.71 -7.29 5.64
N HIS B 242 3.73 -8.20 6.57
CA HIS B 242 2.51 -8.95 7.05
C HIS B 242 1.86 -7.99 8.07
N VAL B 243 0.91 -7.18 7.64
CA VAL B 243 0.27 -6.21 8.56
C VAL B 243 -0.33 -6.81 9.81
N PHE B 244 -1.03 -7.90 9.69
CA PHE B 244 -1.61 -8.50 10.91
C PHE B 244 -0.52 -8.80 11.97
N ARG B 245 0.61 -9.38 11.62
CA ARG B 245 1.61 -9.66 12.68
C ARG B 245 2.13 -8.44 13.34
N LEU B 246 2.01 -7.30 12.72
CA LEU B 246 2.54 -6.09 13.39
C LEU B 246 1.44 -5.21 13.97
N LYS B 247 0.23 -5.67 13.84
CA LYS B 247 -0.93 -4.91 14.34
C LYS B 247 -0.85 -4.42 15.78
N LYS B 248 -0.34 -5.25 16.64
CA LYS B 248 -0.25 -4.80 18.07
C LYS B 248 0.60 -3.53 18.18
N TRP B 249 1.57 -3.44 17.33
CA TRP B 249 2.46 -2.24 17.35
C TRP B 249 1.60 -1.08 16.85
N ILE B 250 0.88 -1.32 15.79
CA ILE B 250 0.00 -0.26 15.21
C ILE B 250 -0.93 0.25 16.33
N GLN B 251 -1.73 -0.64 16.87
CA GLN B 251 -2.68 -0.26 17.98
C GLN B 251 -1.97 0.58 19.04
N LYS B 252 -0.89 0.04 19.51
CA LYS B 252 -0.09 0.72 20.55
C LYS B 252 0.23 2.17 20.20
N VAL B 253 0.88 2.44 19.10
CA VAL B 253 1.17 3.88 18.86
C VAL B 253 -0.11 4.65 18.65
N ILE B 254 -1.07 4.09 18.01
CA ILE B 254 -2.29 4.89 17.81
C ILE B 254 -3.04 5.10 19.14
N ASP B 255 -2.93 4.23 20.12
CA ASP B 255 -3.70 4.51 21.38
C ASP B 255 -2.79 5.00 22.48
N GLN B 256 -1.68 5.52 22.05
CA GLN B 256 -0.66 6.05 22.99
C GLN B 256 -0.39 7.49 22.55
N PHE B 257 -0.51 7.71 21.26
CA PHE B 257 -0.29 9.06 20.62
C PHE B 257 -1.53 9.46 19.74
N ASP C 1 8.28 16.44 -13.88
CA ASP C 1 6.97 16.54 -14.59
C ASP C 1 5.77 16.74 -13.64
N PHE C 2 6.00 16.96 -12.38
CA PHE C 2 4.85 17.16 -11.45
C PHE C 2 4.46 18.60 -11.62
N GLU C 3 3.18 18.79 -11.70
CA GLU C 3 2.59 20.14 -11.86
C GLU C 3 2.80 20.76 -10.48
N GLU C 4 2.89 22.06 -10.40
CA GLU C 4 3.10 22.66 -9.06
C GLU C 4 1.79 22.63 -8.28
N ILE C 5 1.97 22.68 -7.00
CA ILE C 5 0.83 22.65 -6.06
C ILE C 5 0.81 24.02 -5.38
N PRO C 6 -0.31 24.41 -4.82
CA PRO C 6 -0.42 25.66 -4.02
C PRO C 6 0.75 25.91 -3.05
N GLU C 7 1.45 27.00 -3.24
CA GLU C 7 2.61 27.38 -2.37
C GLU C 7 2.25 27.11 -0.91
N GLU C 8 1.05 27.45 -0.57
CA GLU C 8 0.52 27.27 0.82
C GLU C 8 0.86 25.89 1.45
N LEU C 10 3.70 24.17 1.12
CA LEU C 10 5.15 23.97 1.35
C LEU C 10 5.33 24.61 2.75
N GLN C 11 5.02 25.89 2.79
CA GLN C 11 5.10 26.72 4.03
C GLN C 11 6.56 27.00 4.39
#